data_6XVU
#
_entry.id   6XVU
#
_cell.length_a   87.650
_cell.length_b   87.650
_cell.length_c   181.210
_cell.angle_alpha   90.000
_cell.angle_beta   90.000
_cell.angle_gamma   90.000
#
_symmetry.space_group_name_H-M   'P 41 21 2'
#
loop_
_entity.id
_entity.type
_entity.pdbx_description
1 polymer 'Response regulator'
2 non-polymer 'CALCIUM ION'
3 water water
#
_entity_poly.entity_id   1
_entity_poly.type   'polypeptide(L)'
_entity_poly.pdbx_seq_one_letter_code
;MASMTGGQQMGRGSMPERASVPLRLLLVEDNAADIFLMEMALEYSSVHTELLVARDGLEALELLEQAKTGGPFPDLILLD
LNMPRVDGFELLQALRADPHLAHLPAIVLTTSNDPSDVKRAYALQANSYLTKPSTLEDFLQLIERLTAYWFGTAAIPQTY
QPQLEHHHHHH
;
_entity_poly.pdbx_strand_id   A,B,C,D
#
loop_
_chem_comp.id
_chem_comp.type
_chem_comp.name
_chem_comp.formula
CA non-polymer 'CALCIUM ION' 'Ca 2'
#
# COMPACT_ATOMS: atom_id res chain seq x y z
N VAL A 21 -30.49 14.11 10.54
CA VAL A 21 -29.01 13.82 10.50
C VAL A 21 -28.80 12.49 9.79
N PRO A 22 -28.21 12.41 8.56
CA PRO A 22 -27.93 11.12 7.96
C PRO A 22 -26.84 10.43 8.80
N LEU A 23 -26.90 9.11 8.84
CA LEU A 23 -25.72 8.30 9.26
C LEU A 23 -24.79 8.20 8.07
N ARG A 24 -23.50 8.43 8.30
CA ARG A 24 -22.46 8.51 7.24
C ARG A 24 -21.76 7.16 7.16
N LEU A 25 -21.87 6.51 6.02
CA LEU A 25 -21.16 5.26 5.77
C LEU A 25 -20.02 5.57 4.79
N LEU A 26 -18.77 5.29 5.20
CA LEU A 26 -17.58 5.42 4.32
C LEU A 26 -17.34 4.06 3.70
N LEU A 27 -17.57 3.97 2.39
CA LEU A 27 -17.32 2.74 1.62
C LEU A 27 -15.95 2.91 0.97
N VAL A 28 -15.04 1.97 1.21
CA VAL A 28 -13.68 1.92 0.59
C VAL A 28 -13.69 0.76 -0.38
N GLU A 29 -13.72 1.08 -1.65
CA GLU A 29 -13.98 0.12 -2.74
C GLU A 29 -13.39 0.68 -4.02
N ASP A 30 -12.64 -0.12 -4.77
CA ASP A 30 -11.97 0.29 -6.02
C ASP A 30 -12.90 0.10 -7.23
N ASN A 31 -13.82 -0.86 -7.19
CA ASN A 31 -14.68 -1.19 -8.35
C ASN A 31 -15.97 -0.34 -8.32
N ALA A 32 -16.14 0.49 -9.34
CA ALA A 32 -17.30 1.39 -9.52
C ALA A 32 -18.61 0.61 -9.40
N ALA A 33 -18.71 -0.60 -9.97
CA ALA A 33 -19.99 -1.33 -9.97
C ALA A 33 -20.37 -1.66 -8.52
N ASP A 34 -19.41 -2.00 -7.67
CA ASP A 34 -19.68 -2.33 -6.25
C ASP A 34 -20.19 -1.06 -5.53
N ILE A 35 -19.66 0.11 -5.88
CA ILE A 35 -20.12 1.39 -5.29
C ILE A 35 -21.55 1.64 -5.75
N PHE A 36 -21.83 1.46 -7.03
CA PHE A 36 -23.19 1.66 -7.59
C PHE A 36 -24.18 0.74 -6.89
N LEU A 37 -23.81 -0.53 -6.73
CA LEU A 37 -24.67 -1.54 -6.05
C LEU A 37 -24.93 -1.09 -4.62
N MET A 38 -23.89 -0.61 -3.92
CA MET A 38 -24.03 -0.15 -2.51
C MET A 38 -25.00 1.03 -2.49
N GLU A 39 -24.86 2.00 -3.40
CA GLU A 39 -25.69 3.23 -3.32
C GLU A 39 -27.13 2.82 -3.60
N MET A 40 -27.36 1.90 -4.52
CA MET A 40 -28.74 1.45 -4.82
C MET A 40 -29.30 0.66 -3.63
N ALA A 41 -28.50 -0.21 -3.00
CA ALA A 41 -28.93 -1.05 -1.87
C ALA A 41 -29.25 -0.16 -0.66
N LEU A 42 -28.49 0.93 -0.45
CA LEU A 42 -28.73 1.85 0.70
C LEU A 42 -30.06 2.56 0.53
N GLU A 43 -30.50 2.86 -0.69
CA GLU A 43 -31.84 3.45 -0.93
C GLU A 43 -32.94 2.55 -0.35
N TYR A 44 -32.79 1.23 -0.38
CA TYR A 44 -33.77 0.23 0.09
C TYR A 44 -33.71 0.04 1.61
N SER A 45 -32.74 0.62 2.32
CA SER A 45 -32.44 0.24 3.75
C SER A 45 -33.47 0.76 4.75
N SER A 46 -34.08 1.92 4.53
CA SER A 46 -35.07 2.54 5.46
C SER A 46 -34.39 2.88 6.80
N VAL A 47 -33.09 3.08 6.76
CA VAL A 47 -32.28 3.88 7.72
C VAL A 47 -31.72 5.01 6.86
N HIS A 48 -31.91 6.28 7.23
CA HIS A 48 -31.41 7.46 6.47
C HIS A 48 -29.87 7.42 6.49
N THR A 49 -29.28 7.16 5.34
CA THR A 49 -27.83 6.95 5.16
C THR A 49 -27.30 7.99 4.16
N GLU A 50 -26.07 8.41 4.34
CA GLU A 50 -25.26 9.16 3.37
C GLU A 50 -23.99 8.35 3.06
N LEU A 51 -23.72 8.08 1.79
CA LEU A 51 -22.58 7.28 1.33
C LEU A 51 -21.40 8.21 1.05
N LEU A 52 -20.28 8.02 1.72
CA LEU A 52 -18.97 8.59 1.34
C LEU A 52 -18.15 7.50 0.68
N VAL A 53 -17.37 7.84 -0.32
CA VAL A 53 -16.63 6.83 -1.13
C VAL A 53 -15.14 7.17 -1.12
N ALA A 54 -14.33 6.19 -0.85
CA ALA A 54 -12.88 6.24 -1.05
C ALA A 54 -12.54 5.05 -1.96
N ARG A 55 -11.70 5.29 -2.95
CA ARG A 55 -11.38 4.25 -3.98
C ARG A 55 -10.23 3.34 -3.54
N ASP A 56 -9.52 3.68 -2.47
CA ASP A 56 -8.52 2.82 -1.84
C ASP A 56 -8.08 3.45 -0.51
N GLY A 57 -7.24 2.68 0.18
CA GLY A 57 -6.98 2.89 1.63
C GLY A 57 -6.33 4.24 1.80
N LEU A 58 -5.63 4.71 0.77
CA LEU A 58 -4.91 6.02 0.78
C LEU A 58 -5.92 7.18 0.73
N GLU A 59 -6.91 7.11 -0.17
CA GLU A 59 -8.08 8.05 -0.16
C GLU A 59 -8.81 7.96 1.20
N ALA A 60 -9.01 6.78 1.75
CA ALA A 60 -9.76 6.61 3.03
C ALA A 60 -9.01 7.34 4.15
N LEU A 61 -7.67 7.17 4.25
CA LEU A 61 -6.87 7.80 5.33
C LEU A 61 -6.85 9.31 5.13
N GLU A 62 -6.85 9.81 3.89
CA GLU A 62 -6.87 11.28 3.63
C GLU A 62 -8.22 11.85 4.10
N LEU A 63 -9.32 11.18 3.76
CA LEU A 63 -10.68 11.61 4.14
C LEU A 63 -10.79 11.62 5.68
N LEU A 64 -10.26 10.59 6.34
CA LEU A 64 -10.32 10.49 7.82
C LEU A 64 -9.39 11.54 8.46
N GLU A 65 -8.24 11.84 7.85
CA GLU A 65 -7.32 12.93 8.28
C GLU A 65 -8.09 14.25 8.38
N GLN A 66 -8.92 14.57 7.39
CA GLN A 66 -9.70 15.82 7.30
C GLN A 66 -10.77 15.84 8.39
N ALA A 67 -11.36 14.67 8.63
CA ALA A 67 -12.44 14.52 9.61
C ALA A 67 -11.88 14.84 10.99
N LYS A 68 -10.61 14.50 11.27
CA LYS A 68 -9.98 14.75 12.58
C LYS A 68 -10.09 16.24 12.91
N THR A 69 -9.41 17.06 12.11
CA THR A 69 -9.29 18.52 12.33
C THR A 69 -10.67 19.12 12.09
N GLY A 70 -11.36 18.73 11.02
CA GLY A 70 -12.59 19.35 10.54
C GLY A 70 -13.87 18.79 11.17
N GLY A 71 -14.89 18.58 10.35
CA GLY A 71 -16.27 18.21 10.78
C GLY A 71 -16.37 16.71 11.06
N PRO A 72 -17.48 16.04 10.64
CA PRO A 72 -17.86 14.73 11.18
C PRO A 72 -17.09 13.52 10.64
N PHE A 73 -16.67 12.62 11.53
CA PHE A 73 -16.22 11.26 11.15
C PHE A 73 -17.42 10.55 10.53
N PRO A 74 -17.15 9.52 9.71
CA PRO A 74 -18.17 8.52 9.36
C PRO A 74 -18.56 7.69 10.59
N ASP A 75 -19.83 7.27 10.62
CA ASP A 75 -20.38 6.38 11.66
C ASP A 75 -19.79 4.98 11.49
N LEU A 76 -19.44 4.61 10.26
CA LEU A 76 -19.07 3.22 9.93
C LEU A 76 -18.18 3.22 8.68
N ILE A 77 -17.17 2.35 8.64
CA ILE A 77 -16.31 2.17 7.45
C ILE A 77 -16.56 0.75 6.96
N LEU A 78 -16.84 0.61 5.65
CA LEU A 78 -16.91 -0.70 4.97
C LEU A 78 -15.72 -0.73 4.01
N LEU A 79 -14.90 -1.75 4.07
CA LEU A 79 -13.70 -1.79 3.20
C LEU A 79 -13.55 -3.16 2.57
N ASP A 80 -13.09 -3.12 1.33
CA ASP A 80 -12.68 -4.30 0.54
C ASP A 80 -11.22 -4.64 0.88
N LEU A 81 -10.79 -5.85 0.62
CA LEU A 81 -9.42 -6.31 0.97
C LEU A 81 -8.46 -5.93 -0.16
N ASN A 82 -8.82 -6.31 -1.39
N ASN A 82 -8.82 -6.31 -1.39
CA ASN A 82 -7.92 -6.19 -2.55
CA ASN A 82 -7.94 -6.20 -2.58
C ASN A 82 -8.19 -4.84 -3.23
C ASN A 82 -8.20 -4.84 -3.23
N MET A 83 -7.35 -3.85 -2.94
CA MET A 83 -7.48 -2.46 -3.45
C MET A 83 -6.10 -1.95 -3.72
N PRO A 84 -5.90 -1.10 -4.75
CA PRO A 84 -4.57 -0.63 -5.07
C PRO A 84 -4.03 0.33 -3.99
N ARG A 85 -2.69 0.36 -3.89
CA ARG A 85 -1.88 1.30 -3.08
C ARG A 85 -1.99 0.91 -1.61
N VAL A 86 -3.14 1.19 -1.00
CA VAL A 86 -3.39 0.78 0.40
C VAL A 86 -4.58 -0.17 0.39
N ASP A 87 -4.28 -1.44 0.58
CA ASP A 87 -5.28 -2.54 0.60
C ASP A 87 -6.00 -2.58 1.97
N GLY A 88 -6.94 -3.48 2.13
CA GLY A 88 -7.82 -3.51 3.31
C GLY A 88 -7.09 -3.85 4.58
N PHE A 89 -6.13 -4.80 4.50
CA PHE A 89 -5.32 -5.22 5.66
C PHE A 89 -4.49 -4.01 6.11
N GLU A 90 -3.94 -3.25 5.16
CA GLU A 90 -3.10 -2.08 5.45
C GLU A 90 -3.98 -0.98 6.05
N LEU A 91 -5.19 -0.83 5.55
CA LEU A 91 -6.11 0.20 6.10
C LEU A 91 -6.48 -0.20 7.54
N LEU A 92 -6.77 -1.45 7.82
CA LEU A 92 -7.14 -1.86 9.20
C LEU A 92 -5.95 -1.56 10.11
N GLN A 93 -4.70 -1.88 9.66
CA GLN A 93 -3.49 -1.61 10.48
C GLN A 93 -3.43 -0.13 10.81
N ALA A 94 -3.65 0.72 9.80
CA ALA A 94 -3.53 2.17 9.96
C ALA A 94 -4.65 2.71 10.85
N LEU A 95 -5.87 2.19 10.71
CA LEU A 95 -6.97 2.65 11.59
C LEU A 95 -6.64 2.36 13.06
N ARG A 96 -6.15 1.16 13.35
CA ARG A 96 -5.99 0.72 14.74
C ARG A 96 -4.71 1.33 15.33
N ALA A 97 -3.72 1.71 14.51
CA ALA A 97 -2.47 2.33 14.95
C ALA A 97 -2.72 3.80 15.30
N ASP A 98 -3.75 4.43 14.77
CA ASP A 98 -3.98 5.88 14.96
C ASP A 98 -4.95 6.05 16.12
N PRO A 99 -4.53 6.58 17.29
CA PRO A 99 -5.44 6.66 18.42
C PRO A 99 -6.70 7.49 18.12
N HIS A 100 -6.67 8.41 17.16
CA HIS A 100 -7.88 9.22 16.82
C HIS A 100 -8.83 8.44 15.92
N LEU A 101 -8.39 7.33 15.30
CA LEU A 101 -9.24 6.51 14.39
C LEU A 101 -9.60 5.14 14.98
N ALA A 102 -8.97 4.72 16.09
CA ALA A 102 -9.02 3.31 16.56
C ALA A 102 -10.46 2.89 16.86
N HIS A 103 -11.29 3.84 17.28
CA HIS A 103 -12.67 3.60 17.72
C HIS A 103 -13.66 3.45 16.55
N LEU A 104 -13.26 3.81 15.33
N LEU A 104 -13.27 3.82 15.34
CA LEU A 104 -14.18 3.82 14.18
CA LEU A 104 -14.16 3.80 14.15
C LEU A 104 -14.54 2.36 13.84
C LEU A 104 -14.54 2.34 13.85
N PRO A 105 -15.83 1.98 13.82
CA PRO A 105 -16.20 0.63 13.42
C PRO A 105 -15.78 0.38 11.96
N ALA A 106 -15.04 -0.69 11.72
CA ALA A 106 -14.47 -1.01 10.41
C ALA A 106 -14.86 -2.43 10.08
N ILE A 107 -15.65 -2.56 9.04
CA ILE A 107 -16.20 -3.86 8.62
C ILE A 107 -15.66 -4.16 7.23
N VAL A 108 -15.09 -5.33 7.10
CA VAL A 108 -14.65 -5.85 5.80
C VAL A 108 -15.90 -6.29 5.03
N LEU A 109 -16.02 -5.85 3.78
CA LEU A 109 -17.02 -6.35 2.83
C LEU A 109 -16.28 -6.69 1.55
N THR A 110 -16.15 -7.98 1.25
CA THR A 110 -15.19 -8.47 0.26
C THR A 110 -15.71 -9.77 -0.37
N THR A 111 -15.21 -10.13 -1.56
CA THR A 111 -15.74 -11.36 -2.24
C THR A 111 -15.01 -12.62 -1.68
N SER A 112 -13.81 -12.49 -1.12
CA SER A 112 -13.13 -13.63 -0.40
C SER A 112 -13.98 -14.14 0.81
N ASN A 113 -14.17 -15.45 0.87
CA ASN A 113 -14.68 -16.22 2.04
C ASN A 113 -13.57 -17.13 2.58
N ASP A 114 -12.32 -16.85 2.24
CA ASP A 114 -11.12 -17.57 2.75
C ASP A 114 -11.04 -17.40 4.26
N PRO A 115 -11.05 -18.51 5.04
CA PRO A 115 -10.95 -18.44 6.51
C PRO A 115 -9.70 -17.69 6.97
N SER A 116 -8.58 -17.86 6.24
CA SER A 116 -7.31 -17.15 6.54
C SER A 116 -7.51 -15.62 6.41
N ASP A 117 -8.23 -15.17 5.38
CA ASP A 117 -8.60 -13.74 5.24
C ASP A 117 -9.46 -13.31 6.44
N VAL A 118 -10.46 -14.11 6.84
CA VAL A 118 -11.36 -13.62 7.91
C VAL A 118 -10.57 -13.60 9.23
N LYS A 119 -9.78 -14.61 9.51
CA LYS A 119 -9.02 -14.60 10.78
C LYS A 119 -8.11 -13.37 10.80
N ARG A 120 -7.41 -13.09 9.70
CA ARG A 120 -6.43 -11.98 9.67
C ARG A 120 -7.18 -10.65 9.85
N ALA A 121 -8.32 -10.45 9.18
CA ALA A 121 -9.10 -9.21 9.34
C ALA A 121 -9.45 -9.02 10.83
N TYR A 122 -9.91 -10.07 11.49
CA TYR A 122 -10.31 -10.00 12.92
C TYR A 122 -9.06 -9.76 13.80
N ALA A 123 -7.91 -10.37 13.45
CA ALA A 123 -6.64 -10.20 14.19
C ALA A 123 -6.19 -8.73 14.04
N LEU A 124 -6.46 -8.08 12.92
CA LEU A 124 -6.10 -6.67 12.72
C LEU A 124 -7.20 -5.77 13.27
N GLN A 125 -8.20 -6.33 13.97
CA GLN A 125 -9.16 -5.58 14.81
C GLN A 125 -10.24 -4.94 13.93
N ALA A 126 -10.55 -5.57 12.79
CA ALA A 126 -11.81 -5.30 12.09
C ALA A 126 -12.94 -5.64 13.07
N ASN A 127 -14.00 -4.85 13.08
CA ASN A 127 -15.19 -5.11 13.93
C ASN A 127 -15.93 -6.33 13.41
N SER A 128 -16.00 -6.51 12.09
CA SER A 128 -16.78 -7.62 11.49
C SER A 128 -16.30 -7.85 10.07
N TYR A 129 -16.83 -8.90 9.45
CA TYR A 129 -16.43 -9.37 8.11
C TYR A 129 -17.70 -9.85 7.42
N LEU A 130 -17.96 -9.36 6.22
CA LEU A 130 -19.12 -9.76 5.41
C LEU A 130 -18.59 -10.14 4.02
N THR A 131 -18.97 -11.32 3.58
CA THR A 131 -18.70 -11.85 2.23
C THR A 131 -19.75 -11.25 1.30
N LYS A 132 -19.34 -10.60 0.21
CA LYS A 132 -20.27 -10.23 -0.90
C LYS A 132 -20.95 -11.49 -1.42
N PRO A 133 -22.28 -11.58 -1.36
CA PRO A 133 -22.95 -12.82 -1.74
C PRO A 133 -22.99 -12.99 -3.26
N SER A 134 -23.52 -14.12 -3.68
CA SER A 134 -23.44 -14.53 -5.09
C SER A 134 -24.70 -14.13 -5.84
N THR A 135 -25.77 -13.60 -5.23
CA THR A 135 -26.92 -13.06 -6.03
C THR A 135 -27.17 -11.61 -5.64
N LEU A 136 -27.78 -10.85 -6.55
CA LEU A 136 -28.19 -9.45 -6.29
C LEU A 136 -29.17 -9.41 -5.11
N GLU A 137 -30.13 -10.33 -5.10
CA GLU A 137 -31.17 -10.44 -4.04
C GLU A 137 -30.46 -10.57 -2.68
N ASP A 138 -29.49 -11.47 -2.56
CA ASP A 138 -28.78 -11.69 -1.28
C ASP A 138 -27.92 -10.47 -0.94
N PHE A 139 -27.39 -9.76 -1.93
CA PHE A 139 -26.62 -8.52 -1.65
C PHE A 139 -27.56 -7.48 -1.04
N LEU A 140 -28.72 -7.23 -1.65
CA LEU A 140 -29.70 -6.21 -1.14
C LEU A 140 -30.05 -6.56 0.32
N GLN A 141 -30.31 -7.83 0.58
CA GLN A 141 -30.66 -8.36 1.92
C GLN A 141 -29.50 -8.14 2.89
N LEU A 142 -28.26 -8.42 2.45
CA LEU A 142 -27.06 -8.18 3.29
C LEU A 142 -26.99 -6.72 3.71
N ILE A 143 -27.18 -5.78 2.80
CA ILE A 143 -27.06 -4.33 3.14
C ILE A 143 -28.19 -3.98 4.10
N GLU A 144 -29.40 -4.49 3.87
CA GLU A 144 -30.53 -4.25 4.82
C GLU A 144 -30.09 -4.73 6.22
N ARG A 145 -29.53 -5.93 6.32
CA ARG A 145 -29.18 -6.51 7.63
C ARG A 145 -27.97 -5.81 8.27
N LEU A 146 -26.97 -5.47 7.48
CA LEU A 146 -25.78 -4.70 7.96
C LEU A 146 -26.29 -3.41 8.61
N THR A 147 -27.16 -2.67 7.91
CA THR A 147 -27.61 -1.34 8.36
C THR A 147 -28.56 -1.53 9.55
N ALA A 148 -29.46 -2.51 9.53
CA ALA A 148 -30.37 -2.76 10.69
C ALA A 148 -29.51 -3.08 11.91
N TYR A 149 -28.40 -3.82 11.77
CA TYR A 149 -27.57 -4.20 12.95
C TYR A 149 -26.74 -2.99 13.42
N TRP A 150 -25.90 -2.44 12.56
CA TRP A 150 -24.92 -1.39 12.98
C TRP A 150 -25.62 -0.07 13.28
N PHE A 151 -26.74 0.22 12.63
CA PHE A 151 -27.44 1.51 12.79
C PHE A 151 -28.77 1.37 13.53
N GLY A 152 -29.11 0.20 14.03
CA GLY A 152 -30.37 -0.01 14.79
C GLY A 152 -30.09 -0.82 16.05
N THR A 153 -29.65 -2.07 15.93
CA THR A 153 -29.50 -2.99 17.08
C THR A 153 -28.30 -2.54 17.94
N ALA A 154 -27.16 -2.28 17.30
CA ALA A 154 -25.88 -2.04 18.00
C ALA A 154 -25.83 -0.57 18.38
N ALA A 155 -25.02 -0.27 19.38
CA ALA A 155 -24.56 1.10 19.67
C ALA A 155 -23.18 1.22 19.01
N ILE A 156 -22.95 2.36 18.38
CA ILE A 156 -21.65 2.70 17.74
C ILE A 156 -21.26 4.05 18.31
N PRO A 157 -19.97 4.44 18.21
CA PRO A 157 -19.53 5.73 18.74
C PRO A 157 -20.30 6.85 18.05
N GLN A 158 -20.59 7.89 18.82
CA GLN A 158 -21.20 9.13 18.33
C GLN A 158 -20.16 9.86 17.47
N THR A 159 -20.66 10.59 16.48
CA THR A 159 -19.88 11.57 15.67
C THR A 159 -20.30 12.94 16.22
N TYR A 160 -19.47 13.50 17.10
CA TYR A 160 -19.82 14.60 18.06
C TYR A 160 -18.51 15.21 18.58
N VAL B 21 -21.47 -29.47 15.59
CA VAL B 21 -20.88 -28.37 16.42
C VAL B 21 -21.97 -27.31 16.64
N PRO B 22 -22.43 -27.05 17.90
CA PRO B 22 -23.17 -25.82 18.16
C PRO B 22 -22.21 -24.63 17.97
N LEU B 23 -22.74 -23.44 17.77
CA LEU B 23 -21.96 -22.18 17.92
C LEU B 23 -21.82 -21.87 19.41
N ARG B 24 -20.60 -21.62 19.88
CA ARG B 24 -20.25 -21.49 21.30
C ARG B 24 -20.17 -20.00 21.62
N LEU B 25 -20.99 -19.57 22.53
CA LEU B 25 -21.01 -18.20 23.01
C LEU B 25 -20.45 -18.22 24.43
N LEU B 26 -19.33 -17.54 24.65
CA LEU B 26 -18.75 -17.38 26.00
C LEU B 26 -19.31 -16.10 26.63
N LEU B 27 -20.17 -16.26 27.64
CA LEU B 27 -20.72 -15.13 28.41
C LEU B 27 -19.85 -14.95 29.64
N VAL B 28 -19.33 -13.74 29.83
CA VAL B 28 -18.56 -13.38 31.04
C VAL B 28 -19.53 -12.58 31.92
N GLU B 29 -20.00 -13.22 32.97
CA GLU B 29 -21.18 -12.80 33.75
C GLU B 29 -21.16 -13.50 35.12
N ASP B 30 -21.31 -12.73 36.19
CA ASP B 30 -21.34 -13.25 37.58
C ASP B 30 -22.79 -13.34 38.08
N ASN B 31 -23.69 -12.54 37.52
CA ASN B 31 -25.08 -12.38 38.03
C ASN B 31 -25.96 -13.51 37.48
N ALA B 32 -26.51 -14.29 38.37
CA ALA B 32 -27.29 -15.52 38.06
C ALA B 32 -28.52 -15.06 37.28
N ALA B 33 -29.11 -13.92 37.59
CA ALA B 33 -30.37 -13.49 36.95
C ALA B 33 -30.00 -13.16 35.50
N ASP B 34 -28.84 -12.54 35.25
CA ASP B 34 -28.45 -12.22 33.85
C ASP B 34 -28.17 -13.51 33.08
N ILE B 35 -27.61 -14.52 33.74
CA ILE B 35 -27.34 -15.82 33.10
C ILE B 35 -28.68 -16.45 32.76
N PHE B 36 -29.62 -16.45 33.71
CA PHE B 36 -31.00 -16.95 33.45
C PHE B 36 -31.62 -16.23 32.25
N LEU B 37 -31.53 -14.91 32.18
CA LEU B 37 -32.17 -14.12 31.11
C LEU B 37 -31.51 -14.51 29.76
N MET B 38 -30.18 -14.67 29.76
CA MET B 38 -29.46 -15.02 28.53
C MET B 38 -29.90 -16.41 28.08
N GLU B 39 -30.00 -17.34 29.02
CA GLU B 39 -30.39 -18.74 28.74
C GLU B 39 -31.77 -18.74 28.14
N MET B 40 -32.67 -17.95 28.71
CA MET B 40 -34.07 -17.89 28.26
C MET B 40 -34.10 -17.30 26.85
N ALA B 41 -33.36 -16.22 26.61
CA ALA B 41 -33.39 -15.53 25.29
C ALA B 41 -32.81 -16.47 24.20
N LEU B 42 -31.76 -17.22 24.54
CA LEU B 42 -31.09 -18.12 23.56
C LEU B 42 -32.02 -19.29 23.23
N GLU B 43 -32.86 -19.74 24.17
CA GLU B 43 -33.87 -20.79 23.91
C GLU B 43 -34.79 -20.36 22.75
N TYR B 44 -35.20 -19.10 22.72
CA TYR B 44 -36.16 -18.55 21.74
C TYR B 44 -35.47 -18.18 20.46
N SER B 45 -34.14 -17.99 20.48
CA SER B 45 -33.35 -17.63 19.28
C SER B 45 -33.39 -18.81 18.29
N SER B 46 -33.55 -18.49 17.01
CA SER B 46 -33.67 -19.48 15.92
C SER B 46 -32.36 -20.22 15.66
N VAL B 47 -31.24 -19.82 16.29
CA VAL B 47 -29.87 -20.27 15.92
C VAL B 47 -29.37 -21.26 16.98
N HIS B 48 -28.86 -22.44 16.58
CA HIS B 48 -28.32 -23.46 17.52
C HIS B 48 -27.08 -22.90 18.22
N THR B 49 -27.22 -22.60 19.51
CA THR B 49 -26.16 -21.98 20.32
C THR B 49 -25.84 -22.90 21.51
N GLU B 50 -24.60 -22.91 21.97
CA GLU B 50 -24.20 -23.46 23.28
C GLU B 50 -23.61 -22.32 24.11
N LEU B 51 -24.15 -22.10 25.31
CA LEU B 51 -23.68 -21.04 26.23
C LEU B 51 -22.59 -21.61 27.13
N LEU B 52 -21.40 -21.01 27.11
CA LEU B 52 -20.35 -21.23 28.12
C LEU B 52 -20.35 -20.01 29.01
N VAL B 53 -20.11 -20.18 30.30
CA VAL B 53 -20.10 -19.05 31.27
C VAL B 53 -18.76 -18.98 31.99
N ALA B 54 -18.21 -17.80 32.09
CA ALA B 54 -17.10 -17.47 33.00
C ALA B 54 -17.56 -16.35 33.93
N ARG B 55 -17.20 -16.39 35.21
CA ARG B 55 -17.77 -15.52 36.28
C ARG B 55 -17.10 -14.12 36.31
N ASP B 56 -15.88 -14.01 35.78
CA ASP B 56 -15.22 -12.69 35.60
C ASP B 56 -14.01 -12.83 34.67
N GLY B 57 -13.34 -11.68 34.44
CA GLY B 57 -12.37 -11.52 33.32
C GLY B 57 -11.25 -12.54 33.49
N LEU B 58 -10.94 -12.81 34.75
CA LEU B 58 -9.84 -13.73 35.13
C LEU B 58 -10.17 -15.20 34.83
N GLU B 59 -11.38 -15.66 35.20
CA GLU B 59 -11.93 -16.99 34.75
C GLU B 59 -11.99 -17.03 33.20
N ALA B 60 -12.38 -15.97 32.53
CA ALA B 60 -12.52 -15.98 31.03
C ALA B 60 -11.14 -16.25 30.40
N LEU B 61 -10.10 -15.55 30.90
CA LEU B 61 -8.73 -15.65 30.34
C LEU B 61 -8.19 -17.04 30.64
N GLU B 62 -8.50 -17.63 31.80
CA GLU B 62 -8.05 -19.02 32.15
C GLU B 62 -8.70 -20.02 31.20
N LEU B 63 -9.99 -19.90 30.96
CA LEU B 63 -10.72 -20.79 30.03
C LEU B 63 -10.11 -20.65 28.62
N LEU B 64 -9.80 -19.45 28.18
CA LEU B 64 -9.19 -19.22 26.84
C LEU B 64 -7.75 -19.77 26.79
N GLU B 65 -6.99 -19.64 27.89
CA GLU B 65 -5.63 -20.23 28.03
C GLU B 65 -5.71 -21.74 27.72
N GLN B 66 -6.72 -22.43 28.25
CA GLN B 66 -6.90 -23.88 28.11
C GLN B 66 -7.35 -24.22 26.70
N ALA B 67 -8.10 -23.33 26.06
CA ALA B 67 -8.53 -23.51 24.67
C ALA B 67 -7.29 -23.57 23.78
N LYS B 68 -6.24 -22.80 24.07
CA LYS B 68 -5.00 -22.81 23.25
C LYS B 68 -4.45 -24.25 23.20
N THR B 69 -4.03 -24.76 24.35
CA THR B 69 -3.42 -26.09 24.48
C THR B 69 -4.48 -27.15 24.15
N GLY B 70 -5.68 -27.04 24.71
CA GLY B 70 -6.74 -28.07 24.64
C GLY B 70 -7.69 -27.91 23.44
N GLY B 71 -9.01 -27.96 23.70
CA GLY B 71 -10.09 -28.04 22.69
C GLY B 71 -10.43 -26.69 22.06
N PRO B 72 -11.72 -26.40 21.76
CA PRO B 72 -12.11 -25.28 20.88
C PRO B 72 -12.24 -23.90 21.55
N PHE B 73 -11.81 -22.83 20.87
CA PHE B 73 -12.17 -21.44 21.23
C PHE B 73 -13.68 -21.28 21.07
N PRO B 74 -14.28 -20.33 21.83
CA PRO B 74 -15.63 -19.86 21.55
C PRO B 74 -15.68 -19.07 20.23
N ASP B 75 -16.84 -19.09 19.58
CA ASP B 75 -17.12 -18.33 18.35
C ASP B 75 -17.24 -16.84 18.67
N LEU B 76 -17.63 -16.51 19.90
CA LEU B 76 -18.01 -15.14 20.29
C LEU B 76 -17.92 -15.03 21.82
N ILE B 77 -17.42 -13.91 22.32
CA ILE B 77 -17.32 -13.57 23.76
C ILE B 77 -18.23 -12.39 24.01
N LEU B 78 -19.13 -12.51 24.98
CA LEU B 78 -20.02 -11.41 25.44
C LEU B 78 -19.55 -11.06 26.84
N LEU B 79 -19.31 -9.79 27.10
CA LEU B 79 -18.83 -9.33 28.41
C LEU B 79 -19.53 -8.04 28.79
N ASP B 80 -19.68 -7.83 30.08
CA ASP B 80 -20.12 -6.55 30.67
C ASP B 80 -18.88 -5.71 30.97
N LEU B 81 -19.07 -4.45 31.29
CA LEU B 81 -18.00 -3.49 31.63
C LEU B 81 -17.70 -3.65 33.13
N ASN B 82 -18.72 -3.62 33.99
CA ASN B 82 -18.56 -3.71 35.46
C ASN B 82 -18.57 -5.18 35.89
N MET B 83 -17.38 -5.73 36.12
CA MET B 83 -17.20 -7.14 36.57
C MET B 83 -16.11 -7.16 37.62
N PRO B 84 -16.14 -8.08 38.61
CA PRO B 84 -15.10 -8.11 39.62
C PRO B 84 -13.74 -8.54 39.05
N ARG B 85 -12.67 -8.03 39.66
CA ARG B 85 -11.25 -8.41 39.47
C ARG B 85 -10.76 -7.87 38.12
N VAL B 86 -11.25 -8.43 37.02
CA VAL B 86 -10.91 -7.97 35.66
C VAL B 86 -12.20 -7.45 35.04
N ASP B 87 -12.30 -6.12 34.89
CA ASP B 87 -13.49 -5.45 34.30
C ASP B 87 -13.44 -5.58 32.78
N GLY B 88 -14.47 -5.12 32.08
CA GLY B 88 -14.62 -5.34 30.64
C GLY B 88 -13.55 -4.65 29.83
N PHE B 89 -13.19 -3.42 30.20
CA PHE B 89 -12.16 -2.65 29.49
C PHE B 89 -10.83 -3.41 29.63
N GLU B 90 -10.53 -3.94 30.81
CA GLU B 90 -9.28 -4.69 31.09
C GLU B 90 -9.33 -6.03 30.35
N LEU B 91 -10.48 -6.67 30.24
CA LEU B 91 -10.58 -7.94 29.49
C LEU B 91 -10.33 -7.64 28.02
N LEU B 92 -10.92 -6.59 27.46
CA LEU B 92 -10.69 -6.28 26.03
C LEU B 92 -9.19 -6.04 25.82
N GLN B 93 -8.53 -5.30 26.72
CA GLN B 93 -7.08 -5.00 26.60
C GLN B 93 -6.31 -6.32 26.57
N ALA B 94 -6.66 -7.25 27.45
CA ALA B 94 -5.96 -8.56 27.56
C ALA B 94 -6.24 -9.42 26.33
N LEU B 95 -7.46 -9.41 25.79
CA LEU B 95 -7.74 -10.19 24.56
C LEU B 95 -6.87 -9.67 23.42
N ARG B 96 -6.76 -8.36 23.26
CA ARG B 96 -6.12 -7.74 22.08
C ARG B 96 -4.60 -7.79 22.25
N ALA B 97 -4.10 -7.84 23.48
CA ALA B 97 -2.64 -7.90 23.77
C ALA B 97 -2.14 -9.32 23.55
N ASP B 98 -3.00 -10.33 23.56
CA ASP B 98 -2.57 -11.74 23.40
C ASP B 98 -2.72 -12.10 21.94
N PRO B 99 -1.63 -12.29 21.15
CA PRO B 99 -1.78 -12.56 19.73
C PRO B 99 -2.61 -13.82 19.45
N HIS B 100 -2.72 -14.78 20.38
CA HIS B 100 -3.53 -16.01 20.15
C HIS B 100 -5.00 -15.74 20.40
N LEU B 101 -5.36 -14.63 21.04
CA LEU B 101 -6.79 -14.30 21.37
C LEU B 101 -7.28 -13.07 20.58
N ALA B 102 -6.41 -12.30 19.93
CA ALA B 102 -6.73 -10.97 19.37
C ALA B 102 -7.87 -11.05 18.36
N HIS B 103 -7.99 -12.18 17.67
CA HIS B 103 -8.98 -12.37 16.58
C HIS B 103 -10.37 -12.74 17.12
N LEU B 104 -10.50 -13.08 18.39
CA LEU B 104 -11.80 -13.57 18.95
C LEU B 104 -12.79 -12.40 18.97
N PRO B 105 -13.97 -12.56 18.35
CA PRO B 105 -15.01 -11.55 18.44
C PRO B 105 -15.44 -11.34 19.89
N ALA B 106 -15.42 -10.08 20.34
CA ALA B 106 -15.71 -9.71 21.73
C ALA B 106 -16.68 -8.56 21.71
N ILE B 107 -17.86 -8.80 22.25
CA ILE B 107 -19.00 -7.85 22.26
C ILE B 107 -19.34 -7.49 23.68
N VAL B 108 -19.40 -6.19 23.91
CA VAL B 108 -19.84 -5.62 25.19
C VAL B 108 -21.37 -5.67 25.19
N LEU B 109 -21.92 -6.23 26.26
CA LEU B 109 -23.37 -6.28 26.52
C LEU B 109 -23.57 -5.77 27.94
N THR B 110 -24.13 -4.56 28.05
CA THR B 110 -24.08 -3.77 29.29
C THR B 110 -25.32 -2.87 29.39
N THR B 111 -25.72 -2.48 30.59
CA THR B 111 -26.90 -1.59 30.76
C THR B 111 -26.46 -0.10 30.56
N SER B 112 -25.17 0.21 30.68
CA SER B 112 -24.64 1.57 30.30
C SER B 112 -24.88 1.89 28.79
N ASN B 113 -25.48 3.05 28.55
CA ASN B 113 -25.64 3.70 27.22
C ASN B 113 -24.83 5.01 27.24
N ASP B 114 -23.87 5.16 28.16
CA ASP B 114 -22.92 6.30 28.18
C ASP B 114 -22.09 6.30 26.88
N PRO B 115 -22.15 7.40 26.08
CA PRO B 115 -21.36 7.48 24.84
C PRO B 115 -19.86 7.30 25.09
N SER B 116 -19.34 7.79 26.24
CA SER B 116 -17.90 7.64 26.55
C SER B 116 -17.59 6.15 26.79
N ASP B 117 -18.49 5.37 27.37
CA ASP B 117 -18.30 3.91 27.49
C ASP B 117 -18.28 3.27 26.10
N VAL B 118 -19.17 3.68 25.20
CA VAL B 118 -19.20 2.99 23.88
C VAL B 118 -17.94 3.39 23.11
N LYS B 119 -17.54 4.65 23.16
CA LYS B 119 -16.34 5.07 22.43
C LYS B 119 -15.13 4.26 22.95
N ARG B 120 -15.00 4.16 24.27
CA ARG B 120 -13.82 3.49 24.86
C ARG B 120 -13.83 2.01 24.50
N ALA B 121 -14.98 1.34 24.56
CA ALA B 121 -15.08 -0.08 24.18
C ALA B 121 -14.55 -0.25 22.73
N TYR B 122 -14.98 0.60 21.82
CA TYR B 122 -14.59 0.52 20.40
C TYR B 122 -13.07 0.84 20.27
N ALA B 123 -12.56 1.80 21.04
CA ALA B 123 -11.14 2.20 21.00
C ALA B 123 -10.30 1.02 21.50
N LEU B 124 -10.80 0.23 22.44
CA LEU B 124 -10.05 -0.93 22.96
C LEU B 124 -10.33 -2.15 22.06
N GLN B 125 -11.00 -1.98 20.94
CA GLN B 125 -11.12 -3.01 19.88
C GLN B 125 -12.13 -4.08 20.29
N ALA B 126 -13.15 -3.72 21.06
CA ALA B 126 -14.41 -4.53 21.08
C ALA B 126 -14.94 -4.59 19.64
N ASN B 127 -15.48 -5.71 19.24
CA ASN B 127 -16.10 -5.85 17.91
C ASN B 127 -17.42 -5.07 17.87
N SER B 128 -18.16 -5.02 18.96
CA SER B 128 -19.47 -4.32 18.99
C SER B 128 -19.87 -4.03 20.42
N TYR B 129 -20.96 -3.29 20.56
CA TYR B 129 -21.50 -2.85 21.86
C TYR B 129 -23.00 -2.94 21.77
N LEU B 130 -23.62 -3.59 22.75
CA LEU B 130 -25.09 -3.77 22.82
C LEU B 130 -25.53 -3.33 24.20
N THR B 131 -26.54 -2.47 24.23
CA THR B 131 -27.14 -1.95 25.47
C THR B 131 -28.24 -2.93 25.87
N LYS B 132 -28.18 -3.47 27.08
CA LYS B 132 -29.24 -4.37 27.56
C LYS B 132 -30.52 -3.56 27.69
N PRO B 133 -31.62 -3.92 27.03
CA PRO B 133 -32.85 -3.15 27.19
C PRO B 133 -33.53 -3.47 28.54
N SER B 134 -34.54 -2.68 28.85
CA SER B 134 -35.24 -2.78 30.14
C SER B 134 -36.51 -3.61 30.00
N THR B 135 -36.99 -4.01 28.81
CA THR B 135 -38.18 -4.90 28.73
C THR B 135 -37.77 -6.28 28.25
N LEU B 136 -38.51 -7.32 28.68
CA LEU B 136 -38.26 -8.70 28.22
C LEU B 136 -38.40 -8.80 26.70
N GLU B 137 -39.44 -8.15 26.15
CA GLU B 137 -39.71 -8.15 24.69
C GLU B 137 -38.44 -7.66 23.97
N ASP B 138 -37.90 -6.50 24.39
CA ASP B 138 -36.76 -5.92 23.63
C ASP B 138 -35.51 -6.74 23.90
N PHE B 139 -35.40 -7.37 25.06
CA PHE B 139 -34.21 -8.20 25.36
C PHE B 139 -34.20 -9.41 24.44
N LEU B 140 -35.33 -10.12 24.32
CA LEU B 140 -35.41 -11.35 23.49
C LEU B 140 -35.02 -10.96 22.06
N GLN B 141 -35.55 -9.83 21.60
CA GLN B 141 -35.31 -9.31 20.24
C GLN B 141 -33.83 -9.00 20.06
N LEU B 142 -33.23 -8.32 21.02
CA LEU B 142 -31.78 -8.00 20.98
C LEU B 142 -30.95 -9.28 20.79
N ILE B 143 -31.21 -10.31 21.60
CA ILE B 143 -30.40 -11.54 21.54
C ILE B 143 -30.66 -12.25 20.18
N GLU B 144 -31.89 -12.23 19.70
CA GLU B 144 -32.21 -12.80 18.35
C GLU B 144 -31.37 -12.09 17.30
N ARG B 145 -31.30 -10.76 17.35
CA ARG B 145 -30.58 -9.99 16.33
C ARG B 145 -29.08 -10.17 16.48
N LEU B 146 -28.55 -10.19 17.69
CA LEU B 146 -27.12 -10.47 17.96
C LEU B 146 -26.77 -11.79 17.25
N THR B 147 -27.53 -12.85 17.50
CA THR B 147 -27.19 -14.21 17.04
C THR B 147 -27.41 -14.26 15.52
N ALA B 148 -28.47 -13.69 14.98
CA ALA B 148 -28.72 -13.70 13.52
C ALA B 148 -27.57 -12.97 12.84
N TYR B 149 -27.04 -11.89 13.43
CA TYR B 149 -25.98 -11.12 12.77
C TYR B 149 -24.65 -11.90 12.87
N TRP B 150 -24.19 -12.19 14.07
CA TRP B 150 -22.83 -12.75 14.29
C TRP B 150 -22.76 -14.20 13.81
N PHE B 151 -23.88 -14.93 13.82
CA PHE B 151 -23.90 -16.38 13.48
C PHE B 151 -24.69 -16.62 12.20
N GLY B 152 -24.97 -15.61 11.40
CA GLY B 152 -25.75 -15.77 10.15
C GLY B 152 -25.23 -14.79 9.12
N THR B 153 -25.37 -13.49 9.35
CA THR B 153 -25.05 -12.45 8.35
C THR B 153 -23.53 -12.34 8.21
N ALA B 154 -22.82 -12.23 9.33
CA ALA B 154 -21.36 -12.01 9.37
C ALA B 154 -20.65 -13.34 9.22
N ALA B 155 -19.42 -13.27 8.70
CA ALA B 155 -18.42 -14.33 8.87
C ALA B 155 -17.61 -13.95 10.12
N ILE B 156 -17.28 -14.96 10.90
CA ILE B 156 -16.43 -14.83 12.11
C ILE B 156 -15.35 -15.88 11.94
N PRO B 157 -14.23 -15.79 12.70
CA PRO B 157 -13.18 -16.80 12.64
C PRO B 157 -13.76 -18.19 12.98
N GLN B 158 -13.28 -19.20 12.27
CA GLN B 158 -13.58 -20.62 12.57
C GLN B 158 -12.87 -20.96 13.87
N THR B 159 -13.41 -21.93 14.61
CA THR B 159 -12.86 -22.43 15.90
C THR B 159 -12.32 -23.84 15.69
N TYR B 160 -13.18 -24.78 15.29
CA TYR B 160 -12.89 -26.24 15.21
C TYR B 160 -12.50 -26.74 16.61
N VAL C 21 22.62 27.19 -5.59
CA VAL C 21 21.32 26.48 -5.40
C VAL C 21 21.61 25.04 -5.02
N PRO C 22 21.26 24.56 -3.79
CA PRO C 22 21.47 23.16 -3.45
C PRO C 22 20.57 22.28 -4.33
N LEU C 23 21.04 21.07 -4.60
CA LEU C 23 20.22 20.00 -5.19
C LEU C 23 19.36 19.43 -4.08
N ARG C 24 18.07 19.23 -4.36
CA ARG C 24 17.08 18.71 -3.39
C ARG C 24 16.94 17.21 -3.63
N LEU C 25 17.25 16.44 -2.63
CA LEU C 25 17.14 14.97 -2.74
C LEU C 25 16.01 14.54 -1.82
N LEU C 26 14.94 13.95 -2.34
CA LEU C 26 13.83 13.38 -1.53
C LEU C 26 14.18 11.92 -1.21
N LEU C 27 14.53 11.66 0.05
CA LEU C 27 14.85 10.32 0.56
C LEU C 27 13.59 9.78 1.19
N VAL C 28 13.16 8.61 0.73
CA VAL C 28 11.98 7.91 1.32
C VAL C 28 12.57 6.78 2.17
N GLU C 29 12.57 6.99 3.48
CA GLU C 29 13.29 6.18 4.47
C GLU C 29 12.66 6.39 5.85
N ASP C 30 12.37 5.31 6.56
CA ASP C 30 11.78 5.33 7.94
C ASP C 30 12.87 5.18 9.00
N ASN C 31 14.01 4.59 8.65
CA ASN C 31 15.09 4.27 9.61
C ASN C 31 16.03 5.47 9.79
N ALA C 32 16.10 6.01 11.00
CA ALA C 32 16.89 7.20 11.33
C ALA C 32 18.36 6.92 11.02
N ALA C 33 18.87 5.71 11.30
CA ALA C 33 20.30 5.41 11.05
C ALA C 33 20.60 5.53 9.56
N ASP C 34 19.67 5.09 8.71
CA ASP C 34 19.83 5.16 7.23
C ASP C 34 19.80 6.64 6.80
N ILE C 35 18.97 7.46 7.40
CA ILE C 35 18.89 8.91 7.05
C ILE C 35 20.22 9.54 7.46
N PHE C 36 20.72 9.23 8.65
CA PHE C 36 21.98 9.80 9.15
C PHE C 36 23.11 9.39 8.24
N LEU C 37 23.13 8.12 7.83
CA LEU C 37 24.18 7.61 6.92
C LEU C 37 24.08 8.33 5.58
N MET C 38 22.87 8.57 5.06
CA MET C 38 22.72 9.34 3.79
C MET C 38 23.30 10.75 3.97
N GLU C 39 23.00 11.43 5.08
CA GLU C 39 23.52 12.80 5.35
C GLU C 39 25.07 12.75 5.36
N MET C 40 25.64 11.75 6.01
CA MET C 40 27.11 11.61 6.13
C MET C 40 27.67 11.29 4.74
N ALA C 41 27.00 10.42 3.96
CA ALA C 41 27.49 10.01 2.63
C ALA C 41 27.46 11.19 1.67
N LEU C 42 26.45 12.07 1.78
CA LEU C 42 26.33 13.27 0.93
C LEU C 42 27.46 14.24 1.24
N GLU C 43 27.81 14.37 2.51
CA GLU C 43 28.90 15.24 2.97
C GLU C 43 30.21 14.72 2.38
N TYR C 44 30.42 13.40 2.36
CA TYR C 44 31.66 12.76 1.82
C TYR C 44 31.73 13.00 0.30
N SER C 45 30.58 12.99 -0.37
CA SER C 45 30.46 13.17 -1.86
C SER C 45 30.76 14.60 -2.26
N SER C 46 30.79 15.53 -1.30
CA SER C 46 31.14 16.97 -1.55
C SER C 46 30.16 17.56 -2.59
N VAL C 47 28.92 17.14 -2.51
CA VAL C 47 27.83 17.66 -3.37
C VAL C 47 26.97 18.52 -2.45
N HIS C 48 26.73 19.79 -2.81
CA HIS C 48 25.80 20.67 -2.07
C HIS C 48 24.37 20.13 -2.26
N THR C 49 23.85 19.51 -1.21
CA THR C 49 22.58 18.78 -1.21
C THR C 49 21.74 19.35 -0.06
N GLU C 50 20.44 19.41 -0.28
CA GLU C 50 19.44 19.56 0.80
C GLU C 50 18.61 18.29 0.78
N LEU C 51 18.65 17.57 1.88
CA LEU C 51 18.01 16.23 2.01
C LEU C 51 16.60 16.44 2.55
N LEU C 52 15.58 16.03 1.81
CA LEU C 52 14.15 16.09 2.24
C LEU C 52 13.74 14.65 2.55
N VAL C 53 12.99 14.42 3.62
CA VAL C 53 12.75 13.03 4.10
C VAL C 53 11.25 12.77 4.17
N ALA C 54 10.83 11.65 3.64
CA ALA C 54 9.48 11.10 3.87
C ALA C 54 9.65 9.71 4.46
N ARG C 55 8.80 9.29 5.41
CA ARG C 55 8.93 7.99 6.10
C ARG C 55 8.40 6.78 5.28
N ASP C 56 7.47 7.04 4.37
CA ASP C 56 6.97 6.00 3.44
C ASP C 56 6.24 6.63 2.24
N GLY C 57 5.78 5.75 1.33
CA GLY C 57 5.34 6.12 -0.02
C GLY C 57 4.21 7.13 0.07
N LEU C 58 3.41 6.98 1.11
CA LEU C 58 2.22 7.84 1.36
C LEU C 58 2.63 9.29 1.77
N GLU C 59 3.58 9.40 2.71
CA GLU C 59 4.24 10.73 3.00
C GLU C 59 4.92 11.28 1.73
N ALA C 60 5.56 10.47 0.91
CA ALA C 60 6.31 10.97 -0.27
C ALA C 60 5.33 11.60 -1.23
N LEU C 61 4.19 10.95 -1.49
CA LEU C 61 3.17 11.46 -2.43
C LEU C 61 2.55 12.74 -1.89
N GLU C 62 2.36 12.86 -0.57
CA GLU C 62 1.82 14.10 0.05
C GLU C 62 2.82 15.25 -0.13
N LEU C 63 4.10 15.00 0.11
CA LEU C 63 5.18 16.01 -0.05
C LEU C 63 5.21 16.47 -1.51
N LEU C 64 5.09 15.54 -2.45
CA LEU C 64 5.12 15.88 -3.90
C LEU C 64 3.81 16.61 -4.30
N GLU C 65 2.67 16.27 -3.69
CA GLU C 65 1.38 17.00 -3.87
C GLU C 65 1.58 18.50 -3.56
N GLN C 66 2.30 18.81 -2.49
CA GLN C 66 2.57 20.20 -2.04
C GLN C 66 3.57 20.86 -2.99
N ALA C 67 4.48 20.10 -3.57
CA ALA C 67 5.43 20.61 -4.58
C ALA C 67 4.63 21.10 -5.80
N LYS C 68 3.55 20.40 -6.17
CA LYS C 68 2.68 20.79 -7.31
C LYS C 68 2.19 22.22 -7.06
N THR C 69 1.41 22.46 -6.01
CA THR C 69 0.90 23.83 -5.66
C THR C 69 2.09 24.76 -5.35
N GLY C 70 2.68 24.77 -4.14
CA GLY C 70 3.57 25.85 -3.68
C GLY C 70 5.05 25.50 -3.81
N GLY C 71 5.45 24.34 -3.30
CA GLY C 71 6.85 23.96 -3.03
C GLY C 71 7.72 23.93 -4.30
N PRO C 72 9.06 23.84 -4.12
CA PRO C 72 9.95 23.27 -5.16
C PRO C 72 9.99 21.72 -5.20
N PHE C 73 9.96 21.15 -6.41
CA PHE C 73 10.17 19.70 -6.64
C PHE C 73 11.59 19.33 -6.20
N PRO C 74 11.77 18.08 -5.77
CA PRO C 74 13.11 17.51 -5.68
C PRO C 74 13.73 17.26 -7.06
N ASP C 75 15.05 17.37 -7.13
CA ASP C 75 15.86 17.01 -8.32
C ASP C 75 15.84 15.50 -8.50
N LEU C 76 15.69 14.76 -7.40
CA LEU C 76 15.84 13.29 -7.40
C LEU C 76 15.06 12.71 -6.20
N ILE C 77 14.44 11.56 -6.39
CA ILE C 77 13.77 10.77 -5.34
C ILE C 77 14.56 9.47 -5.19
N LEU C 78 14.95 9.14 -3.95
CA LEU C 78 15.57 7.86 -3.60
C LEU C 78 14.59 7.11 -2.72
N LEU C 79 14.26 5.89 -3.09
CA LEU C 79 13.21 5.16 -2.33
C LEU C 79 13.63 3.71 -2.15
N ASP C 80 13.20 3.13 -1.03
CA ASP C 80 13.34 1.68 -0.78
C ASP C 80 12.13 0.95 -1.36
N LEU C 81 12.23 -0.36 -1.51
CA LEU C 81 11.15 -1.24 -2.00
C LEU C 81 10.22 -1.58 -0.84
N ASN C 82 10.80 -2.06 0.25
N ASN C 82 10.78 -2.12 0.26
CA ASN C 82 10.10 -2.54 1.46
CA ASN C 82 10.05 -2.57 1.47
C ASN C 82 9.85 -1.34 2.38
C ASN C 82 9.81 -1.38 2.41
N MET C 83 8.66 -0.74 2.27
CA MET C 83 8.20 0.40 3.10
C MET C 83 6.74 0.14 3.41
N PRO C 84 6.25 0.54 4.60
CA PRO C 84 4.86 0.27 4.94
C PRO C 84 3.89 1.11 4.10
N ARG C 85 2.69 0.55 3.91
CA ARG C 85 1.45 1.20 3.36
C ARG C 85 1.62 1.38 1.85
N VAL C 86 2.49 2.29 1.44
CA VAL C 86 2.85 2.47 0.02
C VAL C 86 4.33 2.06 -0.12
N ASP C 87 4.54 0.89 -0.69
CA ASP C 87 5.88 0.27 -0.90
C ASP C 87 6.49 0.93 -2.14
N GLY C 88 7.71 0.56 -2.47
CA GLY C 88 8.47 1.26 -3.54
C GLY C 88 7.89 1.05 -4.91
N PHE C 89 7.39 -0.15 -5.17
CA PHE C 89 6.75 -0.48 -6.47
C PHE C 89 5.48 0.36 -6.58
N GLU C 90 4.73 0.51 -5.50
CA GLU C 90 3.45 1.29 -5.52
C GLU C 90 3.79 2.77 -5.67
N LEU C 91 4.88 3.23 -5.05
CA LEU C 91 5.28 4.67 -5.22
C LEU C 91 5.69 4.90 -6.70
N LEU C 92 6.47 3.99 -7.29
CA LEU C 92 6.87 4.18 -8.70
C LEU C 92 5.61 4.22 -9.56
N GLN C 93 4.64 3.34 -9.32
CA GLN C 93 3.36 3.31 -10.11
C GLN C 93 2.70 4.69 -9.99
N ALA C 94 2.66 5.24 -8.78
CA ALA C 94 1.97 6.53 -8.52
C ALA C 94 2.76 7.69 -9.18
N LEU C 95 4.08 7.66 -9.14
CA LEU C 95 4.89 8.72 -9.78
C LEU C 95 4.62 8.71 -11.29
N ARG C 96 4.60 7.53 -11.91
CA ARG C 96 4.52 7.45 -13.39
CA ARG C 96 4.51 7.46 -13.39
C ARG C 96 3.08 7.70 -13.84
N ALA C 97 2.08 7.44 -12.99
CA ALA C 97 0.65 7.63 -13.32
C ALA C 97 0.30 9.11 -13.23
N ASP C 98 1.06 9.92 -12.51
CA ASP C 98 0.72 11.34 -12.29
C ASP C 98 1.47 12.16 -13.32
N PRO C 99 0.80 12.79 -14.32
CA PRO C 99 1.52 13.52 -15.36
C PRO C 99 2.45 14.60 -14.80
N HIS C 100 2.18 15.16 -13.62
CA HIS C 100 2.99 16.25 -13.02
C HIS C 100 4.23 15.67 -12.34
N LEU C 101 4.24 14.36 -12.06
CA LEU C 101 5.38 13.70 -11.36
C LEU C 101 6.18 12.77 -12.28
N ALA C 102 5.67 12.45 -13.48
CA ALA C 102 6.22 11.39 -14.36
C ALA C 102 7.70 11.63 -14.68
N HIS C 103 8.11 12.89 -14.76
CA HIS C 103 9.47 13.26 -15.20
C HIS C 103 10.49 13.21 -14.05
N LEU C 104 10.03 13.11 -12.81
N LEU C 104 10.04 13.12 -12.81
CA LEU C 104 10.94 13.17 -11.62
CA LEU C 104 10.95 13.17 -11.63
C LEU C 104 11.83 11.93 -11.62
C LEU C 104 11.83 11.93 -11.61
N PRO C 105 13.17 12.08 -11.64
CA PRO C 105 14.06 10.92 -11.57
C PRO C 105 13.85 10.20 -10.23
N ALA C 106 13.66 8.90 -10.33
CA ALA C 106 13.32 8.07 -9.16
C ALA C 106 14.25 6.88 -9.20
N ILE C 107 15.05 6.77 -8.17
CA ILE C 107 16.05 5.70 -8.01
C ILE C 107 15.71 4.86 -6.79
N VAL C 108 15.67 3.57 -6.99
CA VAL C 108 15.51 2.59 -5.93
C VAL C 108 16.88 2.40 -5.28
N LEU C 109 16.91 2.52 -3.96
CA LEU C 109 18.06 2.20 -3.10
C LEU C 109 17.57 1.28 -2.01
N THR C 110 17.99 0.02 -2.07
CA THR C 110 17.35 -1.07 -1.29
C THR C 110 18.41 -2.11 -1.00
N THR C 111 18.24 -2.90 0.06
CA THR C 111 19.16 -4.01 0.39
C THR C 111 18.87 -5.22 -0.52
N SER C 112 17.67 -5.33 -1.10
CA SER C 112 17.35 -6.39 -2.10
C SER C 112 18.27 -6.30 -3.33
N ASN C 113 18.86 -7.43 -3.69
CA ASN C 113 19.63 -7.66 -4.93
C ASN C 113 18.89 -8.72 -5.75
N ASP C 114 17.61 -9.00 -5.42
CA ASP C 114 16.74 -9.91 -6.19
C ASP C 114 16.57 -9.42 -7.63
N PRO C 115 16.98 -10.20 -8.65
CA PRO C 115 16.78 -9.82 -10.05
C PRO C 115 15.31 -9.52 -10.40
N SER C 116 14.36 -10.24 -9.80
CA SER C 116 12.91 -9.98 -9.98
C SER C 116 12.54 -8.59 -9.48
N ASP C 117 13.10 -8.17 -8.36
CA ASP C 117 12.90 -6.79 -7.84
C ASP C 117 13.51 -5.79 -8.83
N VAL C 118 14.71 -6.05 -9.37
CA VAL C 118 15.30 -5.01 -10.25
C VAL C 118 14.49 -4.96 -11.54
N LYS C 119 14.11 -6.10 -12.10
CA LYS C 119 13.38 -6.05 -13.37
C LYS C 119 12.06 -5.29 -13.14
N ARG C 120 11.37 -5.59 -12.03
CA ARG C 120 10.06 -4.96 -11.78
C ARG C 120 10.23 -3.44 -11.59
N ALA C 121 11.26 -3.01 -10.85
CA ALA C 121 11.49 -1.56 -10.64
C ALA C 121 11.64 -0.87 -12.01
N TYR C 122 12.42 -1.45 -12.89
CA TYR C 122 12.65 -0.89 -14.25
C TYR C 122 11.34 -0.94 -15.06
N ALA C 123 10.54 -1.99 -14.92
CA ALA C 123 9.27 -2.11 -15.68
C ALA C 123 8.31 -1.03 -15.19
N LEU C 124 8.38 -0.65 -13.93
CA LEU C 124 7.50 0.40 -13.37
C LEU C 124 8.14 1.77 -13.58
N GLN C 125 9.25 1.85 -14.32
CA GLN C 125 9.84 3.13 -14.84
C GLN C 125 10.59 3.85 -13.72
N ALA C 126 11.17 3.13 -12.76
CA ALA C 126 12.35 3.64 -12.02
C ALA C 126 13.46 4.05 -13.04
N ASN C 127 14.13 5.15 -12.78
CA ASN C 127 15.28 5.58 -13.60
C ASN C 127 16.46 4.61 -13.39
N SER C 128 16.65 4.11 -12.18
CA SER C 128 17.79 3.26 -11.84
C SER C 128 17.51 2.54 -10.53
N TYR C 129 18.42 1.66 -10.18
CA TYR C 129 18.33 0.76 -9.03
C TYR C 129 19.74 0.60 -8.48
N LEU C 130 19.88 0.79 -7.17
CA LEU C 130 21.16 0.63 -6.45
C LEU C 130 20.91 -0.28 -5.25
N THR C 131 21.75 -1.29 -5.10
CA THR C 131 21.76 -2.17 -3.91
C THR C 131 22.56 -1.50 -2.78
N LYS C 132 21.97 -1.30 -1.62
CA LYS C 132 22.65 -0.74 -0.42
C LYS C 132 23.74 -1.75 -0.03
N PRO C 133 25.01 -1.38 -0.02
CA PRO C 133 26.02 -2.30 0.51
C PRO C 133 25.92 -2.41 2.04
N SER C 134 26.55 -3.40 2.60
CA SER C 134 26.38 -3.69 4.04
C SER C 134 27.45 -2.98 4.88
N THR C 135 28.50 -2.40 4.28
CA THR C 135 29.55 -1.66 5.05
C THR C 135 29.38 -0.16 4.80
N LEU C 136 29.75 0.64 5.81
CA LEU C 136 29.75 2.12 5.76
C LEU C 136 30.60 2.60 4.56
N GLU C 137 31.79 2.05 4.40
CA GLU C 137 32.75 2.60 3.39
C GLU C 137 32.14 2.30 2.02
N ASP C 138 31.54 1.14 1.79
CA ASP C 138 30.96 0.87 0.44
C ASP C 138 29.71 1.72 0.25
N PHE C 139 28.98 2.02 1.31
CA PHE C 139 27.78 2.87 1.19
C PHE C 139 28.24 4.27 0.78
N LEU C 140 29.23 4.86 1.48
CA LEU C 140 29.71 6.23 1.13
C LEU C 140 30.12 6.24 -0.35
N GLN C 141 30.83 5.22 -0.81
CA GLN C 141 31.37 5.12 -2.19
C GLN C 141 30.21 5.06 -3.17
N LEU C 142 29.20 4.27 -2.84
CA LEU C 142 27.97 4.20 -3.68
C LEU C 142 27.36 5.60 -3.84
N ILE C 143 27.16 6.33 -2.76
CA ILE C 143 26.50 7.67 -2.82
C ILE C 143 27.40 8.64 -3.58
N GLU C 144 28.72 8.54 -3.45
CA GLU C 144 29.66 9.36 -4.22
C GLU C 144 29.42 9.11 -5.71
N ARG C 145 29.30 7.85 -6.11
CA ARG C 145 29.11 7.50 -7.55
C ARG C 145 27.71 7.90 -8.03
N LEU C 146 26.68 7.66 -7.22
CA LEU C 146 25.30 8.08 -7.52
C LEU C 146 25.33 9.59 -7.84
N THR C 147 25.90 10.38 -6.96
CA THR C 147 25.89 11.86 -7.09
C THR C 147 26.76 12.30 -8.26
N ALA C 148 27.95 11.72 -8.46
CA ALA C 148 28.81 12.05 -9.62
C ALA C 148 28.04 11.77 -10.92
N TYR C 149 27.26 10.69 -10.99
CA TYR C 149 26.54 10.37 -12.24
C TYR C 149 25.31 11.29 -12.41
N TRP C 150 24.38 11.26 -11.45
CA TRP C 150 23.07 11.93 -11.60
C TRP C 150 23.20 13.46 -11.55
N PHE C 151 24.19 13.97 -10.84
CA PHE C 151 24.35 15.43 -10.64
C PHE C 151 25.59 15.94 -11.38
N GLY C 152 26.26 15.12 -12.17
CA GLY C 152 27.50 15.53 -12.89
C GLY C 152 27.47 15.07 -14.34
N THR C 153 27.50 13.77 -14.56
CA THR C 153 27.60 13.17 -15.90
C THR C 153 26.27 13.38 -16.64
N ALA C 154 25.15 13.04 -16.02
CA ALA C 154 23.83 13.00 -16.68
C ALA C 154 23.21 14.38 -16.64
N ALA C 155 22.29 14.65 -17.54
CA ALA C 155 21.31 15.75 -17.40
C ALA C 155 20.04 15.18 -16.77
N ILE C 156 19.47 15.94 -15.85
CA ILE C 156 18.16 15.64 -15.20
C ILE C 156 17.28 16.85 -15.39
N PRO C 157 15.94 16.72 -15.29
CA PRO C 157 15.04 17.86 -15.45
C PRO C 157 15.40 18.96 -14.43
N GLN C 158 15.34 20.20 -14.86
CA GLN C 158 15.47 21.38 -13.97
C GLN C 158 14.23 21.48 -13.09
N THR C 159 14.30 22.18 -11.96
CA THR C 159 13.22 22.15 -10.93
C THR C 159 12.51 23.52 -10.83
N VAL D 21 28.14 -13.56 -21.90
CA VAL D 21 29.42 -12.97 -21.40
C VAL D 21 29.46 -11.47 -21.74
N PRO D 22 29.48 -10.99 -23.00
CA PRO D 22 29.51 -9.55 -23.22
C PRO D 22 28.17 -8.94 -22.77
N LEU D 23 28.23 -7.69 -22.32
CA LEU D 23 27.05 -6.82 -22.18
C LEU D 23 26.71 -6.27 -23.57
N ARG D 24 25.44 -6.34 -23.94
CA ARG D 24 24.93 -5.94 -25.28
C ARG D 24 24.37 -4.53 -25.18
N LEU D 25 24.93 -3.61 -25.93
CA LEU D 25 24.46 -2.22 -25.98
C LEU D 25 23.85 -1.98 -27.34
N LEU D 26 22.55 -1.66 -27.40
CA LEU D 26 21.82 -1.27 -28.63
C LEU D 26 21.96 0.22 -28.81
N LEU D 27 22.75 0.63 -29.81
CA LEU D 27 22.92 2.06 -30.18
C LEU D 27 21.95 2.31 -31.33
N VAL D 28 21.07 3.29 -31.17
CA VAL D 28 20.11 3.73 -32.22
C VAL D 28 20.66 5.07 -32.68
N GLU D 29 21.26 5.05 -33.85
CA GLU D 29 22.10 6.15 -34.39
C GLU D 29 22.12 5.97 -35.90
N ASP D 30 21.89 7.04 -36.64
CA ASP D 30 21.90 7.05 -38.13
C ASP D 30 23.31 7.36 -38.66
N ASN D 31 24.14 8.10 -37.94
CA ASN D 31 25.41 8.61 -38.54
C ASN D 31 26.58 7.64 -38.29
N ALA D 32 27.17 7.19 -39.38
CA ALA D 32 28.41 6.38 -39.44
C ALA D 32 29.45 6.86 -38.43
N ALA D 33 29.75 8.16 -38.40
CA ALA D 33 30.86 8.67 -37.56
C ALA D 33 30.52 8.40 -36.10
N ASP D 34 29.26 8.59 -35.71
CA ASP D 34 28.83 8.49 -34.29
C ASP D 34 28.85 7.01 -33.92
N ILE D 35 28.50 6.13 -34.85
CA ILE D 35 28.56 4.66 -34.60
C ILE D 35 30.02 4.28 -34.38
N PHE D 36 30.90 4.74 -35.27
CA PHE D 36 32.34 4.40 -35.19
C PHE D 36 32.89 4.91 -33.86
N LEU D 37 32.58 6.15 -33.49
CA LEU D 37 33.10 6.76 -32.24
C LEU D 37 32.60 5.94 -31.04
N MET D 38 31.33 5.51 -31.04
CA MET D 38 30.81 4.69 -29.95
C MET D 38 31.56 3.37 -29.88
N GLU D 39 31.79 2.74 -31.02
CA GLU D 39 32.48 1.42 -31.11
C GLU D 39 33.88 1.57 -30.51
N MET D 40 34.57 2.63 -30.87
CA MET D 40 35.96 2.86 -30.41
C MET D 40 35.93 3.15 -28.91
N ALA D 41 34.99 3.98 -28.46
CA ALA D 41 34.88 4.38 -27.04
C ALA D 41 34.58 3.14 -26.16
N LEU D 42 33.74 2.22 -26.66
CA LEU D 42 33.37 1.00 -25.89
C LEU D 42 34.58 0.07 -25.79
N GLU D 43 35.45 0.01 -26.80
CA GLU D 43 36.72 -0.78 -26.76
C GLU D 43 37.57 -0.27 -25.58
N TYR D 44 37.61 1.05 -25.44
CA TYR D 44 38.44 1.81 -24.51
C TYR D 44 37.81 1.81 -23.10
N SER D 45 36.54 1.41 -22.95
CA SER D 45 35.82 1.27 -21.66
C SER D 45 36.25 -0.02 -20.95
N SER D 46 36.16 -0.05 -19.62
CA SER D 46 36.66 -1.15 -18.77
C SER D 46 35.68 -2.31 -18.77
N VAL D 47 34.57 -2.26 -19.50
CA VAL D 47 33.53 -3.33 -19.42
C VAL D 47 33.52 -4.05 -20.78
N HIS D 48 33.61 -5.39 -20.84
CA HIS D 48 33.45 -6.16 -22.11
C HIS D 48 32.05 -5.94 -22.69
N THR D 49 31.96 -5.18 -23.77
CA THR D 49 30.68 -4.74 -24.37
C THR D 49 30.65 -5.20 -25.83
N GLU D 50 29.47 -5.59 -26.30
CA GLU D 50 29.19 -5.90 -27.72
C GLU D 50 28.13 -4.89 -28.21
N LEU D 51 28.42 -4.22 -29.32
CA LEU D 51 27.59 -3.10 -29.83
C LEU D 51 26.60 -3.67 -30.86
N LEU D 52 25.31 -3.48 -30.66
CA LEU D 52 24.24 -3.72 -31.66
C LEU D 52 23.85 -2.34 -32.19
N VAL D 53 23.58 -2.22 -33.48
CA VAL D 53 23.30 -0.89 -34.10
C VAL D 53 21.96 -0.97 -34.82
N ALA D 54 21.11 0.00 -34.58
CA ALA D 54 19.94 0.25 -35.43
C ALA D 54 20.04 1.68 -35.96
N ARG D 55 19.65 1.90 -37.21
CA ARG D 55 19.81 3.19 -37.93
C ARG D 55 18.64 4.18 -37.65
N ASP D 56 17.52 3.70 -37.12
CA ASP D 56 16.45 4.59 -36.62
C ASP D 56 15.46 3.78 -35.79
N GLY D 57 14.42 4.50 -35.30
CA GLY D 57 13.55 3.96 -34.20
C GLY D 57 12.81 2.74 -34.73
N LEU D 58 12.54 2.73 -36.04
CA LEU D 58 11.81 1.62 -36.70
C LEU D 58 12.66 0.35 -36.84
N GLU D 59 13.92 0.48 -37.25
CA GLU D 59 14.94 -0.64 -37.14
C GLU D 59 15.08 -1.08 -35.67
N ALA D 60 15.10 -0.17 -34.70
CA ALA D 60 15.31 -0.55 -33.26
C ALA D 60 14.16 -1.46 -32.83
N LEU D 61 12.92 -1.06 -33.14
CA LEU D 61 11.70 -1.79 -32.71
C LEU D 61 11.67 -3.16 -33.41
N GLU D 62 12.09 -3.24 -34.67
CA GLU D 62 12.14 -4.52 -35.42
C GLU D 62 13.18 -5.46 -34.79
N LEU D 63 14.36 -4.97 -34.49
CA LEU D 63 15.43 -5.75 -33.79
C LEU D 63 14.91 -6.25 -32.43
N LEU D 64 14.22 -5.41 -31.68
CA LEU D 64 13.68 -5.80 -30.33
C LEU D 64 12.53 -6.81 -30.50
N GLU D 65 11.70 -6.66 -31.56
CA GLU D 65 10.63 -7.64 -31.91
C GLU D 65 11.25 -9.03 -32.06
N GLN D 66 12.39 -9.14 -32.74
CA GLN D 66 13.00 -10.46 -33.03
C GLN D 66 13.68 -10.98 -31.77
N ALA D 67 14.12 -10.10 -30.87
CA ALA D 67 14.67 -10.52 -29.57
C ALA D 67 13.58 -11.24 -28.79
N LYS D 68 12.32 -10.82 -28.89
CA LYS D 68 11.19 -11.50 -28.20
C LYS D 68 11.17 -12.98 -28.58
N THR D 69 10.89 -13.29 -29.85
CA THR D 69 10.78 -14.69 -30.33
C THR D 69 12.16 -15.35 -30.28
N GLY D 70 13.21 -14.65 -30.73
CA GLY D 70 14.55 -15.22 -30.97
C GLY D 70 15.48 -15.12 -29.75
N GLY D 71 16.71 -14.60 -29.95
CA GLY D 71 17.81 -14.60 -28.96
C GLY D 71 17.66 -13.50 -27.91
N PRO D 72 18.77 -12.93 -27.38
CA PRO D 72 18.71 -12.04 -26.20
C PRO D 72 18.39 -10.57 -26.48
N PHE D 73 17.66 -9.92 -25.57
CA PHE D 73 17.50 -8.45 -25.51
C PHE D 73 18.88 -7.86 -25.23
N PRO D 74 19.09 -6.60 -25.66
CA PRO D 74 20.17 -5.77 -25.17
C PRO D 74 20.02 -5.46 -23.67
N ASP D 75 21.16 -5.25 -23.02
CA ASP D 75 21.28 -4.84 -21.60
C ASP D 75 20.89 -3.37 -21.50
N LEU D 76 21.05 -2.60 -22.57
CA LEU D 76 20.96 -1.12 -22.50
C LEU D 76 20.74 -0.59 -23.93
N ILE D 77 19.90 0.41 -24.08
CA ILE D 77 19.60 1.09 -25.36
C ILE D 77 20.07 2.54 -25.20
N LEU D 78 20.90 3.00 -26.12
CA LEU D 78 21.30 4.42 -26.23
C LEU D 78 20.66 4.95 -27.51
N LEU D 79 19.95 6.04 -27.39
CA LEU D 79 19.22 6.52 -28.57
C LEU D 79 19.37 8.04 -28.69
N ASP D 80 19.43 8.46 -29.94
CA ASP D 80 19.43 9.88 -30.32
C ASP D 80 17.99 10.36 -30.43
N LEU D 81 17.79 11.67 -30.40
CA LEU D 81 16.44 12.27 -30.50
C LEU D 81 16.10 12.41 -31.98
N ASN D 82 16.98 13.06 -32.75
CA ASN D 82 16.66 13.42 -34.16
C ASN D 82 17.12 12.31 -35.09
N MET D 83 16.19 11.45 -35.48
CA MET D 83 16.43 10.27 -36.34
C MET D 83 15.25 10.19 -37.29
N PRO D 84 15.46 9.72 -38.53
CA PRO D 84 14.35 9.63 -39.46
C PRO D 84 13.36 8.54 -39.06
N ARG D 85 12.11 8.75 -39.47
CA ARG D 85 10.97 7.80 -39.42
C ARG D 85 10.45 7.77 -37.99
N VAL D 86 11.20 7.14 -37.09
CA VAL D 86 10.81 7.08 -35.67
C VAL D 86 11.90 7.81 -34.89
N ASP D 87 11.57 8.98 -34.36
CA ASP D 87 12.52 9.80 -33.56
C ASP D 87 12.63 9.23 -32.13
N GLY D 88 13.50 9.83 -31.30
CA GLY D 88 13.83 9.29 -29.97
C GLY D 88 12.63 9.34 -29.03
N PHE D 89 11.86 10.41 -29.06
CA PHE D 89 10.67 10.58 -28.20
C PHE D 89 9.65 9.51 -28.59
N GLU D 90 9.48 9.25 -29.88
CA GLU D 90 8.53 8.23 -30.38
C GLU D 90 9.05 6.84 -29.99
N LEU D 91 10.34 6.62 -30.05
CA LEU D 91 10.92 5.32 -29.62
C LEU D 91 10.69 5.13 -28.12
N LEU D 92 10.90 6.16 -27.30
CA LEU D 92 10.68 6.00 -25.83
C LEU D 92 9.23 5.65 -25.59
N GLN D 93 8.29 6.31 -26.31
CA GLN D 93 6.84 6.04 -26.16
C GLN D 93 6.59 4.56 -26.46
N ALA D 94 7.17 4.07 -27.55
CA ALA D 94 6.92 2.69 -28.01
C ALA D 94 7.58 1.69 -27.05
N LEU D 95 8.75 1.97 -26.53
CA LEU D 95 9.38 1.06 -25.53
C LEU D 95 8.48 0.94 -24.30
N ARG D 96 7.95 2.05 -23.80
CA ARG D 96 7.23 2.05 -22.50
CA ARG D 96 7.23 2.02 -22.50
C ARG D 96 5.82 1.52 -22.70
N ALA D 97 5.27 1.60 -23.91
CA ALA D 97 3.90 1.11 -24.20
C ALA D 97 3.94 -0.42 -24.35
N ASP D 98 5.07 -1.01 -24.66
CA ASP D 98 5.16 -2.46 -24.95
C ASP D 98 5.55 -3.15 -23.64
N PRO D 99 4.68 -3.96 -23.00
CA PRO D 99 5.01 -4.54 -21.71
C PRO D 99 6.28 -5.42 -21.80
N HIS D 100 6.66 -5.97 -22.95
CA HIS D 100 7.86 -6.83 -23.06
C HIS D 100 9.12 -5.97 -23.16
N LEU D 101 9.00 -4.67 -23.50
CA LEU D 101 10.17 -3.77 -23.65
C LEU D 101 10.27 -2.72 -22.52
N ALA D 102 9.26 -2.58 -21.68
CA ALA D 102 9.12 -1.44 -20.74
C ALA D 102 10.32 -1.39 -19.76
N HIS D 103 10.88 -2.54 -19.43
CA HIS D 103 11.95 -2.66 -18.43
C HIS D 103 13.33 -2.34 -19.03
N LEU D 104 13.48 -2.27 -20.36
CA LEU D 104 14.80 -2.05 -20.98
C LEU D 104 15.33 -0.66 -20.63
N PRO D 105 16.53 -0.56 -20.03
CA PRO D 105 17.09 0.76 -19.73
C PRO D 105 17.34 1.49 -21.07
N ALA D 106 16.85 2.71 -21.14
CA ALA D 106 16.89 3.51 -22.37
C ALA D 106 17.42 4.87 -21.97
N ILE D 107 18.56 5.19 -22.53
CA ILE D 107 19.28 6.43 -22.26
C ILE D 107 19.38 7.23 -23.53
N VAL D 108 19.01 8.49 -23.43
CA VAL D 108 19.11 9.43 -24.55
C VAL D 108 20.56 9.89 -24.59
N LEU D 109 21.16 9.83 -25.76
CA LEU D 109 22.51 10.35 -26.03
C LEU D 109 22.40 11.23 -27.28
N THR D 110 22.47 12.53 -27.09
CA THR D 110 22.12 13.50 -28.16
C THR D 110 22.96 14.79 -28.02
N THR D 111 23.07 15.59 -29.08
CA THR D 111 23.81 16.88 -29.03
C THR D 111 22.92 18.00 -28.43
N SER D 112 21.60 17.84 -28.43
CA SER D 112 20.68 18.79 -27.70
C SER D 112 20.94 18.80 -26.18
N ASN D 113 21.09 20.00 -25.62
CA ASN D 113 21.09 20.28 -24.15
C ASN D 113 19.89 21.20 -23.84
N ASP D 114 18.87 21.18 -24.69
CA ASP D 114 17.59 21.90 -24.43
C ASP D 114 16.93 21.31 -23.17
N PRO D 115 16.66 22.12 -22.12
CA PRO D 115 16.00 21.61 -20.92
C PRO D 115 14.63 21.00 -21.22
N SER D 116 13.90 21.55 -22.21
CA SER D 116 12.57 20.99 -22.55
C SER D 116 12.75 19.61 -23.20
N ASP D 117 13.83 19.36 -23.94
CA ASP D 117 14.15 17.99 -24.43
C ASP D 117 14.42 17.08 -23.23
N VAL D 118 15.19 17.52 -22.24
CA VAL D 118 15.50 16.58 -21.13
C VAL D 118 14.24 16.33 -20.32
N LYS D 119 13.44 17.34 -20.05
CA LYS D 119 12.20 17.11 -19.29
C LYS D 119 11.30 16.12 -20.04
N ARG D 120 11.13 16.32 -21.33
CA ARG D 120 10.25 15.44 -22.13
C ARG D 120 10.79 14.00 -22.15
N ALA D 121 12.09 13.82 -22.31
CA ALA D 121 12.70 12.47 -22.29
C ALA D 121 12.36 11.78 -20.98
N TYR D 122 12.52 12.49 -19.86
CA TYR D 122 12.24 11.91 -18.52
C TYR D 122 10.75 11.64 -18.36
N ALA D 123 9.88 12.50 -18.90
CA ALA D 123 8.41 12.35 -18.82
C ALA D 123 8.02 11.10 -19.61
N LEU D 124 8.74 10.78 -20.69
CA LEU D 124 8.42 9.59 -21.51
C LEU D 124 9.18 8.39 -20.96
N GLN D 125 9.84 8.52 -19.80
CA GLN D 125 10.33 7.37 -19.00
C GLN D 125 11.65 6.87 -19.61
N ALA D 126 12.42 7.74 -20.26
CA ALA D 126 13.87 7.50 -20.43
C ALA D 126 14.49 7.31 -19.04
N ASN D 127 15.42 6.37 -18.92
CA ASN D 127 16.16 6.17 -17.65
C ASN D 127 17.07 7.36 -17.38
N SER D 128 17.67 7.95 -18.39
CA SER D 128 18.64 9.04 -18.21
C SER D 128 18.81 9.75 -19.53
N TYR D 129 19.59 10.81 -19.49
CA TYR D 129 19.87 11.68 -20.64
C TYR D 129 21.32 12.10 -20.56
N LEU D 130 22.04 11.95 -21.66
CA LEU D 130 23.48 12.34 -21.77
C LEU D 130 23.62 13.24 -23.00
N THR D 131 24.25 14.38 -22.83
CA THR D 131 24.60 15.34 -23.92
C THR D 131 25.94 14.90 -24.52
N LYS D 132 26.00 14.65 -25.82
CA LYS D 132 27.27 14.38 -26.55
C LYS D 132 28.17 15.61 -26.40
N PRO D 133 29.35 15.53 -25.77
CA PRO D 133 30.18 16.72 -25.63
C PRO D 133 30.85 17.09 -26.95
N SER D 134 31.47 18.26 -27.03
CA SER D 134 31.98 18.70 -28.35
C SER D 134 33.41 18.18 -28.61
N THR D 135 34.21 17.81 -27.59
CA THR D 135 35.54 17.19 -27.82
C THR D 135 35.46 15.67 -27.72
N LEU D 136 36.25 14.99 -28.53
CA LEU D 136 36.37 13.52 -28.50
C LEU D 136 36.90 13.09 -27.12
N GLU D 137 37.81 13.83 -26.49
CA GLU D 137 38.34 13.47 -25.15
C GLU D 137 37.16 13.40 -24.16
N ASP D 138 36.28 14.40 -24.17
CA ASP D 138 35.13 14.43 -23.23
C ASP D 138 34.13 13.35 -23.63
N PHE D 139 34.00 13.03 -24.93
CA PHE D 139 33.09 11.95 -25.35
C PHE D 139 33.60 10.61 -24.79
N LEU D 140 34.89 10.31 -24.92
CA LEU D 140 35.51 9.05 -24.45
C LEU D 140 35.23 8.92 -22.97
N GLN D 141 35.42 10.01 -22.24
CA GLN D 141 35.25 10.07 -20.78
C GLN D 141 33.78 9.82 -20.45
N LEU D 142 32.86 10.44 -21.20
CA LEU D 142 31.41 10.19 -21.01
C LEU D 142 31.09 8.70 -21.14
N ILE D 143 31.61 8.03 -22.16
CA ILE D 143 31.29 6.60 -22.39
C ILE D 143 31.90 5.76 -21.27
N GLU D 144 33.10 6.11 -20.80
CA GLU D 144 33.73 5.43 -19.64
C GLU D 144 32.78 5.56 -18.44
N ARG D 145 32.27 6.74 -18.18
CA ARG D 145 31.41 6.98 -17.00
C ARG D 145 30.01 6.36 -17.15
N LEU D 146 29.45 6.38 -18.35
CA LEU D 146 28.16 5.73 -18.66
C LEU D 146 28.32 4.25 -18.32
N THR D 147 29.36 3.60 -18.84
CA THR D 147 29.57 2.15 -18.67
C THR D 147 29.89 1.85 -17.19
N ALA D 148 30.74 2.65 -16.53
CA ALA D 148 31.07 2.41 -15.10
C ALA D 148 29.78 2.51 -14.28
N TYR D 149 28.87 3.44 -14.60
CA TYR D 149 27.63 3.59 -13.81
C TYR D 149 26.66 2.44 -14.13
N TRP D 150 26.24 2.32 -15.38
CA TRP D 150 25.13 1.40 -15.75
C TRP D 150 25.57 -0.05 -15.68
N PHE D 151 26.85 -0.35 -15.87
CA PHE D 151 27.33 -1.75 -15.88
C PHE D 151 28.18 -2.05 -14.65
N GLY D 152 28.35 -1.13 -13.71
CA GLY D 152 29.17 -1.33 -12.49
C GLY D 152 28.40 -0.88 -11.26
N THR D 153 28.05 0.39 -11.14
CA THR D 153 27.48 0.94 -9.88
C THR D 153 26.02 0.46 -9.75
N ALA D 154 25.24 0.63 -10.81
CA ALA D 154 23.79 0.40 -10.81
C ALA D 154 23.54 -1.09 -11.04
N ALA D 155 22.37 -1.56 -10.62
CA ALA D 155 21.81 -2.83 -11.07
C ALA D 155 20.87 -2.51 -12.24
N ILE D 156 20.92 -3.37 -13.26
CA ILE D 156 20.00 -3.27 -14.43
C ILE D 156 19.37 -4.63 -14.58
N PRO D 157 18.23 -4.73 -15.28
CA PRO D 157 17.59 -6.03 -15.51
C PRO D 157 18.57 -6.96 -16.24
N GLN D 158 18.56 -8.24 -15.88
CA GLN D 158 19.43 -9.22 -16.57
C GLN D 158 18.58 -10.13 -17.43
N THR D 159 19.15 -10.50 -18.57
CA THR D 159 18.61 -11.43 -19.61
C THR D 159 18.44 -12.86 -19.08
N TYR D 160 19.35 -13.32 -18.19
CA TYR D 160 19.67 -14.74 -17.89
C TYR D 160 20.22 -14.99 -16.46
N GLN D 161 20.14 -16.25 -16.02
CA GLN D 161 20.66 -16.81 -14.74
C GLN D 161 22.13 -17.23 -14.90
CA CA E . -11.31 -4.83 -4.96
CA CA F . -12.20 -2.39 15.56
CA CA G . 0.39 -1.27 -0.25
CA CA H . -24.10 -8.53 34.56
CA CA I . -11.79 -6.68 17.63
CA CA J . 13.59 1.53 4.83
CA CA K . 11.43 7.08 -14.83
CA CA L . 22.48 10.97 -35.63
CA CA M . 12.48 3.65 -18.13
#